data_7QGJ
#
_entry.id   7QGJ
#
_cell.length_a   87.241
_cell.length_b   87.241
_cell.length_c   59.625
_cell.angle_alpha   90.000
_cell.angle_beta   90.000
_cell.angle_gamma   120.000
#
_symmetry.space_group_name_H-M   'H 3'
#
loop_
_entity.id
_entity.type
_entity.pdbx_description
1 polymer 'Baculoviral IAP repeat-containing protein 2'
2 non-polymer 'ZINC ION'
3 non-polymer 1,2-ETHANEDIOL
4 water water
#
_entity_poly.entity_id   1
_entity_poly.type   'polypeptide(L)'
_entity_poly.pdbx_seq_one_letter_code
;SNPYSYAMSTEEARFLTYHMWPLTFLSPSELARAGFYYIGPGDRVACFACGGKLSNWEPKDDAMSEHRRHFPNCPFLENS
LET
;
_entity_poly.pdbx_strand_id   A,B
#
# COMPACT_ATOMS: atom_id res chain seq x y z
N SER A 1 -12.78 -19.56 3.61
CA SER A 1 -12.14 -18.37 4.24
C SER A 1 -10.65 -18.36 3.92
N ASN A 2 -10.00 -17.23 4.19
CA ASN A 2 -8.64 -16.90 3.72
C ASN A 2 -7.74 -16.65 4.93
N PRO A 3 -6.71 -17.48 5.17
CA PRO A 3 -5.78 -17.29 6.29
C PRO A 3 -4.64 -16.29 6.03
N TYR A 4 -4.59 -15.73 4.82
CA TYR A 4 -3.52 -14.79 4.38
C TYR A 4 -4.06 -13.37 4.42
N SER A 5 -3.18 -12.40 4.23
CA SER A 5 -3.59 -10.99 4.03
C SER A 5 -4.16 -10.86 2.62
N TYR A 6 -5.48 -10.87 2.49
CA TYR A 6 -6.14 -10.61 1.18
C TYR A 6 -5.75 -9.21 0.68
N ALA A 7 -5.69 -8.24 1.58
CA ALA A 7 -5.33 -6.84 1.25
C ALA A 7 -4.00 -6.79 0.50
N MET A 8 -3.04 -7.61 0.92
CA MET A 8 -1.66 -7.56 0.37
C MET A 8 -1.37 -8.78 -0.52
N SER A 9 -2.42 -9.38 -1.09
N SER A 9 -2.40 -9.38 -1.11
CA SER A 9 -2.32 -10.63 -1.90
CA SER A 9 -2.28 -10.64 -1.90
C SER A 9 -1.71 -10.35 -3.28
C SER A 9 -1.83 -10.39 -3.34
N THR A 10 -1.84 -9.13 -3.81
CA THR A 10 -1.28 -8.78 -5.16
C THR A 10 0.10 -8.13 -5.00
N GLU A 11 1.01 -8.42 -5.93
CA GLU A 11 2.32 -7.74 -6.09
C GLU A 11 2.08 -6.22 -6.12
N GLU A 12 1.05 -5.79 -6.84
CA GLU A 12 0.75 -4.34 -7.04
C GLU A 12 0.44 -3.70 -5.69
N ALA A 13 -0.44 -4.31 -4.89
CA ALA A 13 -0.81 -3.75 -3.56
C ALA A 13 0.43 -3.67 -2.68
N ARG A 14 1.28 -4.70 -2.67
CA ARG A 14 2.51 -4.71 -1.85
C ARG A 14 3.43 -3.57 -2.30
N PHE A 15 3.61 -3.41 -3.61
CA PHE A 15 4.48 -2.36 -4.19
C PHE A 15 4.02 -0.98 -3.73
N LEU A 16 2.71 -0.77 -3.69
CA LEU A 16 2.11 0.57 -3.40
C LEU A 16 2.29 0.93 -1.92
N THR A 17 2.77 0.04 -1.06
CA THR A 17 2.96 0.36 0.39
C THR A 17 4.32 1.02 0.63
N TYR A 18 5.22 1.03 -0.35
CA TYR A 18 6.59 1.58 -0.17
C TYR A 18 6.57 3.08 -0.50
N HIS A 19 7.01 3.88 0.47
CA HIS A 19 7.20 5.34 0.30
C HIS A 19 8.52 5.76 0.94
N MET A 20 9.34 6.48 0.18
CA MET A 20 10.67 6.95 0.63
C MET A 20 11.45 5.76 1.21
N TRP A 21 11.41 4.63 0.52
CA TRP A 21 12.14 3.42 0.93
C TRP A 21 13.63 3.75 0.99
N PRO A 22 14.32 3.46 2.13
CA PRO A 22 15.65 4.00 2.37
C PRO A 22 16.84 3.29 1.70
N LEU A 23 16.65 2.09 1.14
CA LEU A 23 17.77 1.31 0.56
C LEU A 23 17.84 1.52 -0.95
N THR A 24 19.03 1.83 -1.47
CA THR A 24 19.32 2.01 -2.91
C THR A 24 19.59 0.65 -3.57
N PHE A 25 19.96 -0.37 -2.78
CA PHE A 25 20.50 -1.66 -3.27
C PHE A 25 19.41 -2.75 -3.31
N LEU A 26 18.22 -2.47 -2.79
CA LEU A 26 17.10 -3.44 -2.76
C LEU A 26 15.81 -2.69 -3.05
N SER A 27 15.09 -3.04 -4.12
CA SER A 27 13.95 -2.24 -4.65
C SER A 27 12.63 -2.72 -4.05
N PRO A 28 11.67 -1.78 -3.86
CA PRO A 28 10.28 -2.15 -3.56
C PRO A 28 9.71 -3.19 -4.54
N SER A 29 10.05 -3.10 -5.82
CA SER A 29 9.62 -4.07 -6.86
C SER A 29 10.11 -5.48 -6.49
N GLU A 30 11.39 -5.62 -6.18
CA GLU A 30 11.97 -6.95 -5.83
C GLU A 30 11.26 -7.48 -4.59
N LEU A 31 11.09 -6.64 -3.58
CA LEU A 31 10.44 -7.06 -2.31
C LEU A 31 8.99 -7.47 -2.57
N ALA A 32 8.21 -6.68 -3.31
CA ALA A 32 6.80 -7.00 -3.61
C ALA A 32 6.71 -8.33 -4.36
N ARG A 33 7.61 -8.55 -5.31
CA ARG A 33 7.64 -9.81 -6.09
C ARG A 33 7.92 -11.00 -5.17
N ALA A 34 8.66 -10.77 -4.08
CA ALA A 34 9.01 -11.83 -3.10
C ALA A 34 7.95 -11.92 -1.98
N GLY A 35 6.80 -11.27 -2.13
CA GLY A 35 5.66 -11.43 -1.20
C GLY A 35 5.62 -10.40 -0.07
N PHE A 36 6.55 -9.43 -0.07
CA PHE A 36 6.78 -8.51 1.08
C PHE A 36 6.14 -7.14 0.82
N TYR A 37 5.39 -6.67 1.81
CA TYR A 37 4.88 -5.27 1.84
C TYR A 37 5.57 -4.54 3.00
N TYR A 38 5.55 -3.21 2.94
CA TYR A 38 6.24 -2.36 3.93
C TYR A 38 5.43 -2.30 5.23
N ILE A 39 6.08 -2.56 6.36
CA ILE A 39 5.50 -2.31 7.71
C ILE A 39 6.32 -1.28 8.47
N GLY A 40 7.64 -1.24 8.28
CA GLY A 40 8.51 -0.31 9.02
C GLY A 40 8.54 -0.63 10.52
N PRO A 41 9.14 0.25 11.35
CA PRO A 41 9.91 1.40 10.87
C PRO A 41 11.20 0.94 10.16
N GLY A 42 11.99 1.89 9.67
CA GLY A 42 13.24 1.62 8.94
C GLY A 42 12.97 0.80 7.70
N ASP A 43 13.67 -0.33 7.53
CA ASP A 43 13.59 -1.16 6.30
C ASP A 43 12.81 -2.45 6.58
N ARG A 44 11.88 -2.46 7.53
CA ARG A 44 11.19 -3.70 7.93
C ARG A 44 10.00 -3.97 7.00
N VAL A 45 9.89 -5.22 6.53
CA VAL A 45 8.82 -5.67 5.60
C VAL A 45 8.19 -6.94 6.18
N ALA A 46 7.01 -7.29 5.68
CA ALA A 46 6.25 -8.48 6.14
C ALA A 46 5.70 -9.24 4.93
N CYS A 47 5.67 -10.56 5.03
CA CYS A 47 5.03 -11.43 4.01
C CYS A 47 3.52 -11.49 4.23
N PHE A 48 2.75 -11.31 3.15
CA PHE A 48 1.27 -11.35 3.16
C PHE A 48 0.76 -12.75 3.52
N ALA A 49 1.58 -13.79 3.33
CA ALA A 49 1.13 -15.19 3.46
C ALA A 49 1.59 -15.80 4.79
N CYS A 50 2.89 -15.81 5.08
CA CYS A 50 3.44 -16.44 6.30
C CYS A 50 3.53 -15.45 7.47
N GLY A 51 3.45 -14.14 7.20
CA GLY A 51 3.58 -13.13 8.26
C GLY A 51 5.00 -12.95 8.75
N GLY A 52 5.98 -13.62 8.12
CA GLY A 52 7.41 -13.41 8.41
C GLY A 52 7.78 -11.96 8.20
N LYS A 53 8.59 -11.41 9.10
CA LYS A 53 9.05 -10.01 9.01
C LYS A 53 10.57 -10.01 8.87
N LEU A 54 11.10 -9.14 8.00
CA LEU A 54 12.56 -9.02 7.80
C LEU A 54 12.96 -7.55 7.80
N SER A 55 14.04 -7.23 8.52
CA SER A 55 14.65 -5.89 8.53
C SER A 55 16.17 -6.02 8.38
N ASN A 56 16.88 -4.89 8.43
CA ASN A 56 18.36 -4.86 8.44
C ASN A 56 18.87 -5.60 7.22
N TRP A 57 18.33 -5.28 6.05
CA TRP A 57 18.73 -5.89 4.75
C TRP A 57 20.18 -5.50 4.45
N GLU A 58 20.96 -6.46 3.92
CA GLU A 58 22.38 -6.25 3.53
C GLU A 58 22.44 -6.17 2.00
N PRO A 59 23.43 -5.43 1.44
CA PRO A 59 23.60 -5.36 -0.02
C PRO A 59 23.60 -6.72 -0.75
N LYS A 60 24.16 -7.75 -0.12
CA LYS A 60 24.27 -9.14 -0.68
C LYS A 60 22.91 -9.82 -0.77
N ASP A 61 21.89 -9.32 -0.05
CA ASP A 61 20.63 -10.08 0.18
C ASP A 61 19.77 -10.11 -1.09
N ASP A 62 19.22 -11.28 -1.39
CA ASP A 62 18.16 -11.50 -2.40
C ASP A 62 16.86 -11.75 -1.64
N ALA A 63 15.78 -11.04 -1.98
CA ALA A 63 14.52 -11.08 -1.20
C ALA A 63 13.95 -12.51 -1.21
N MET A 64 13.91 -13.19 -2.36
CA MET A 64 13.35 -14.56 -2.47
C MET A 64 14.23 -15.54 -1.67
N SER A 65 15.56 -15.38 -1.76
N SER A 65 15.55 -15.36 -1.72
CA SER A 65 16.53 -16.23 -1.02
CA SER A 65 16.52 -16.24 -1.02
C SER A 65 16.30 -16.07 0.49
C SER A 65 16.37 -16.07 0.50
N GLU A 66 16.22 -14.83 0.97
CA GLU A 66 16.04 -14.54 2.42
C GLU A 66 14.67 -15.06 2.88
N HIS A 67 13.63 -14.91 2.06
CA HIS A 67 12.27 -15.45 2.36
C HIS A 67 12.38 -16.96 2.62
N ARG A 68 13.07 -17.66 1.74
CA ARG A 68 13.21 -19.14 1.83
C ARG A 68 14.11 -19.52 3.02
N ARG A 69 15.19 -18.76 3.24
CA ARG A 69 16.16 -19.03 4.33
C ARG A 69 15.45 -18.95 5.69
N HIS A 70 14.66 -17.89 5.90
CA HIS A 70 14.09 -17.59 7.23
C HIS A 70 12.72 -18.25 7.42
N PHE A 71 11.93 -18.37 6.35
CA PHE A 71 10.52 -18.84 6.42
C PHE A 71 10.30 -19.95 5.40
N PRO A 72 11.05 -21.07 5.52
CA PRO A 72 11.03 -22.10 4.48
C PRO A 72 9.67 -22.77 4.22
N ASN A 73 8.76 -22.77 5.20
CA ASN A 73 7.43 -23.42 5.10
C ASN A 73 6.38 -22.43 4.58
N CYS A 74 6.77 -21.25 4.12
CA CYS A 74 5.82 -20.23 3.63
C CYS A 74 5.03 -20.78 2.44
N PRO A 75 3.67 -20.75 2.47
CA PRO A 75 2.86 -21.27 1.36
C PRO A 75 2.99 -20.47 0.05
N PHE A 76 3.30 -19.19 0.13
CA PHE A 76 3.57 -18.34 -1.06
C PHE A 76 4.76 -18.92 -1.85
N LEU A 77 5.84 -19.32 -1.17
CA LEU A 77 7.06 -19.84 -1.82
C LEU A 77 6.73 -21.17 -2.54
N GLU A 78 5.77 -21.93 -2.02
CA GLU A 78 5.43 -23.28 -2.54
C GLU A 78 4.41 -23.16 -3.67
N ASN A 79 3.55 -22.14 -3.67
CA ASN A 79 2.52 -21.95 -4.73
C ASN A 79 2.17 -20.47 -4.86
N SER B 1 -10.05 1.44 -18.06
CA SER B 1 -9.50 0.33 -17.23
C SER B 1 -8.33 0.87 -16.41
N ASN B 2 -7.90 0.13 -15.40
CA ASN B 2 -6.96 0.63 -14.38
C ASN B 2 -6.17 -0.56 -13.84
N PRO B 3 -4.81 -0.52 -13.90
CA PRO B 3 -4.00 -1.63 -13.39
C PRO B 3 -3.94 -1.71 -11.86
N TYR B 4 -4.39 -0.66 -11.15
CA TYR B 4 -4.27 -0.61 -9.67
C TYR B 4 -5.62 -0.75 -8.97
N SER B 5 -6.75 -0.71 -9.70
CA SER B 5 -8.09 -0.77 -9.07
C SER B 5 -8.23 -2.02 -8.20
N TYR B 6 -7.81 -3.18 -8.69
CA TYR B 6 -8.02 -4.43 -7.93
C TYR B 6 -7.13 -4.43 -6.67
N ALA B 7 -5.86 -4.09 -6.83
CA ALA B 7 -4.88 -3.99 -5.72
C ALA B 7 -5.46 -3.14 -4.59
N MET B 8 -6.09 -2.03 -4.95
CA MET B 8 -6.55 -1.01 -3.97
C MET B 8 -8.06 -1.10 -3.77
N SER B 9 -8.67 -2.26 -4.03
CA SER B 9 -10.16 -2.43 -3.98
C SER B 9 -10.64 -2.54 -2.53
N THR B 10 -9.80 -2.94 -1.58
CA THR B 10 -10.19 -3.05 -0.16
C THR B 10 -9.75 -1.80 0.62
N GLU B 11 -10.56 -1.41 1.59
CA GLU B 11 -10.24 -0.30 2.49
C GLU B 11 -8.90 -0.60 3.19
N GLU B 12 -8.68 -1.85 3.59
CA GLU B 12 -7.43 -2.22 4.30
C GLU B 12 -6.22 -1.97 3.37
N ALA B 13 -6.26 -2.44 2.13
CA ALA B 13 -5.13 -2.27 1.19
C ALA B 13 -4.84 -0.76 1.07
N ARG B 14 -5.88 0.05 0.92
CA ARG B 14 -5.69 1.50 0.77
C ARG B 14 -5.05 2.07 2.04
N PHE B 15 -5.55 1.71 3.21
CA PHE B 15 -5.03 2.17 4.52
C PHE B 15 -3.54 1.85 4.64
N LEU B 16 -3.13 0.67 4.17
CA LEU B 16 -1.74 0.18 4.34
C LEU B 16 -0.74 0.93 3.46
N THR B 17 -1.19 1.82 2.57
CA THR B 17 -0.29 2.60 1.66
C THR B 17 0.15 3.92 2.30
N TYR B 18 -0.27 4.26 3.52
CA TYR B 18 -0.10 5.64 4.05
C TYR B 18 1.18 5.86 4.84
N HIS B 19 2.21 5.04 4.70
CA HIS B 19 3.55 5.36 5.25
C HIS B 19 4.00 6.72 4.69
N MET B 20 4.42 7.63 5.57
CA MET B 20 4.99 8.96 5.26
C MET B 20 3.86 9.99 5.11
N TRP B 21 2.60 9.60 5.31
CA TRP B 21 1.45 10.53 5.27
C TRP B 21 1.77 11.72 6.18
N PRO B 22 1.76 12.98 5.66
CA PRO B 22 2.20 14.13 6.45
C PRO B 22 1.13 14.92 7.24
N LEU B 23 -0.16 14.72 7.02
CA LEU B 23 -1.22 15.60 7.59
C LEU B 23 -1.72 15.05 8.92
N THR B 24 -1.90 15.93 9.91
CA THR B 24 -2.43 15.60 11.26
C THR B 24 -3.95 15.81 11.30
N PHE B 25 -4.50 16.63 10.40
CA PHE B 25 -5.92 17.09 10.44
C PHE B 25 -6.82 16.21 9.57
N LEU B 26 -6.24 15.33 8.76
CA LEU B 26 -6.97 14.42 7.85
C LEU B 26 -6.26 13.07 7.93
N SER B 27 -7.00 12.02 8.27
N SER B 27 -6.99 12.01 8.31
CA SER B 27 -6.47 10.68 8.67
CA SER B 27 -6.41 10.68 8.68
C SER B 27 -6.38 9.74 7.46
C SER B 27 -6.36 9.76 7.46
N PRO B 28 -5.37 8.84 7.41
CA PRO B 28 -5.39 7.74 6.45
C PRO B 28 -6.72 6.96 6.46
N SER B 29 -7.30 6.76 7.64
CA SER B 29 -8.59 6.03 7.80
CA SER B 29 -8.59 6.03 7.81
C SER B 29 -9.70 6.76 7.04
N GLU B 30 -9.84 8.07 7.25
CA GLU B 30 -10.90 8.86 6.55
C GLU B 30 -10.67 8.74 5.04
N LEU B 31 -9.43 8.91 4.58
CA LEU B 31 -9.12 8.91 3.13
C LEU B 31 -9.34 7.51 2.54
N ALA B 32 -8.88 6.46 3.21
CA ALA B 32 -9.06 5.06 2.74
C ALA B 32 -10.56 4.74 2.64
N ARG B 33 -11.34 5.16 3.64
CA ARG B 33 -12.82 4.95 3.66
C ARG B 33 -13.47 5.66 2.47
N ALA B 34 -12.88 6.76 1.99
CA ALA B 34 -13.40 7.56 0.86
C ALA B 34 -12.82 7.10 -0.48
N GLY B 35 -12.10 5.97 -0.51
CA GLY B 35 -11.66 5.34 -1.77
C GLY B 35 -10.23 5.70 -2.14
N PHE B 36 -9.52 6.45 -1.30
CA PHE B 36 -8.20 7.02 -1.65
C PHE B 36 -7.06 6.20 -1.05
N TYR B 37 -6.05 5.94 -1.86
CA TYR B 37 -4.77 5.38 -1.40
C TYR B 37 -3.67 6.42 -1.62
N TYR B 38 -2.59 6.32 -0.85
CA TYR B 38 -1.51 7.32 -0.80
C TYR B 38 -0.51 7.02 -1.92
N ILE B 39 -0.31 7.95 -2.86
CA ILE B 39 0.69 7.82 -3.95
C ILE B 39 1.86 8.78 -3.70
N GLY B 40 1.66 9.87 -2.97
CA GLY B 40 2.74 10.84 -2.73
C GLY B 40 3.07 11.62 -4.00
N PRO B 41 4.03 12.57 -3.95
CA PRO B 41 4.66 12.96 -2.70
C PRO B 41 3.70 13.85 -1.90
N GLY B 42 4.16 14.39 -0.77
CA GLY B 42 3.35 15.29 0.06
C GLY B 42 2.04 14.63 0.46
N ASP B 43 0.90 15.26 0.18
CA ASP B 43 -0.42 14.73 0.60
C ASP B 43 -1.22 14.25 -0.62
N ARG B 44 -0.54 13.80 -1.68
CA ARG B 44 -1.24 13.36 -2.91
C ARG B 44 -1.76 11.93 -2.76
N VAL B 45 -3.04 11.77 -3.06
CA VAL B 45 -3.78 10.48 -3.00
C VAL B 45 -4.47 10.25 -4.34
N ALA B 46 -4.86 9.01 -4.58
CA ALA B 46 -5.54 8.55 -5.80
C ALA B 46 -6.73 7.69 -5.41
N CYS B 47 -7.81 7.79 -6.18
CA CYS B 47 -8.99 6.92 -6.00
C CYS B 47 -8.79 5.61 -6.76
N PHE B 48 -9.07 4.49 -6.11
CA PHE B 48 -8.97 3.14 -6.73
C PHE B 48 -10.01 2.98 -7.84
N ALA B 49 -11.13 3.70 -7.80
CA ALA B 49 -12.32 3.43 -8.65
C ALA B 49 -12.38 4.37 -9.86
N CYS B 50 -12.06 5.65 -9.69
CA CYS B 50 -12.13 6.64 -10.81
C CYS B 50 -10.74 7.06 -11.27
N GLY B 51 -9.69 6.77 -10.48
CA GLY B 51 -8.31 7.19 -10.80
C GLY B 51 -8.07 8.67 -10.55
N GLY B 52 -9.04 9.39 -10.00
CA GLY B 52 -8.87 10.80 -9.65
C GLY B 52 -7.77 10.99 -8.61
N LYS B 53 -6.95 12.03 -8.78
N LYS B 53 -6.97 12.04 -8.77
CA LYS B 53 -5.82 12.34 -7.87
CA LYS B 53 -5.83 12.34 -7.87
C LYS B 53 -6.06 13.71 -7.22
C LYS B 53 -6.04 13.71 -7.22
N LEU B 54 -5.90 13.79 -5.90
CA LEU B 54 -6.05 15.07 -5.16
C LEU B 54 -4.87 15.26 -4.23
N SER B 55 -4.45 16.52 -4.08
CA SER B 55 -3.46 16.92 -3.06
C SER B 55 -3.88 18.29 -2.52
N ASN B 56 -3.04 18.87 -1.67
CA ASN B 56 -3.26 20.24 -1.15
C ASN B 56 -4.59 20.26 -0.37
N TRP B 57 -4.76 19.27 0.50
CA TRP B 57 -5.93 19.13 1.40
C TRP B 57 -5.96 20.29 2.39
N GLU B 58 -7.16 20.76 2.70
CA GLU B 58 -7.39 21.90 3.62
C GLU B 58 -8.04 21.35 4.89
N PRO B 59 -7.80 21.96 6.07
CA PRO B 59 -8.45 21.52 7.31
C PRO B 59 -9.98 21.39 7.23
N LYS B 60 -10.64 22.22 6.42
CA LYS B 60 -12.12 22.23 6.25
C LYS B 60 -12.59 21.07 5.38
N ASP B 61 -11.68 20.40 4.67
CA ASP B 61 -12.05 19.39 3.65
C ASP B 61 -12.61 18.12 4.29
N ASP B 62 -13.73 17.65 3.75
CA ASP B 62 -14.29 16.30 4.00
C ASP B 62 -13.90 15.45 2.79
N ALA B 63 -13.28 14.29 3.01
CA ALA B 63 -12.72 13.49 1.91
C ALA B 63 -13.83 13.10 0.91
N MET B 64 -14.99 12.65 1.40
CA MET B 64 -16.09 12.19 0.51
C MET B 64 -16.68 13.38 -0.26
N SER B 65 -16.81 14.53 0.39
N SER B 65 -16.81 14.53 0.39
CA SER B 65 -17.30 15.79 -0.23
CA SER B 65 -17.29 15.78 -0.23
C SER B 65 -16.35 16.21 -1.36
C SER B 65 -16.34 16.19 -1.38
N GLU B 66 -15.03 16.21 -1.10
CA GLU B 66 -14.01 16.59 -2.11
C GLU B 66 -14.01 15.58 -3.25
N HIS B 67 -14.20 14.29 -2.93
CA HIS B 67 -14.26 13.21 -3.95
C HIS B 67 -15.38 13.55 -4.94
N ARG B 68 -16.58 13.84 -4.45
CA ARG B 68 -17.76 14.09 -5.31
C ARG B 68 -17.63 15.45 -6.01
N ARG B 69 -17.03 16.44 -5.36
CA ARG B 69 -16.82 17.79 -5.96
C ARG B 69 -16.01 17.65 -7.24
N HIS B 70 -14.93 16.87 -7.21
CA HIS B 70 -13.94 16.80 -8.31
C HIS B 70 -14.28 15.69 -9.29
N PHE B 71 -14.83 14.58 -8.80
CA PHE B 71 -15.04 13.35 -9.61
C PHE B 71 -16.47 12.85 -9.40
N PRO B 72 -17.49 13.65 -9.76
CA PRO B 72 -18.87 13.31 -9.42
C PRO B 72 -19.43 12.02 -10.03
N ASN B 73 -18.79 11.50 -11.10
CA ASN B 73 -19.26 10.27 -11.79
C ASN B 73 -18.52 9.04 -11.25
N CYS B 74 -17.69 9.19 -10.22
CA CYS B 74 -16.91 8.04 -9.69
C CYS B 74 -17.85 6.90 -9.32
N PRO B 75 -17.58 5.64 -9.79
CA PRO B 75 -18.43 4.51 -9.45
C PRO B 75 -18.56 4.19 -7.95
N PHE B 76 -17.50 4.50 -7.17
CA PHE B 76 -17.44 4.24 -5.71
C PHE B 76 -18.47 5.11 -4.98
N LEU B 77 -18.79 6.27 -5.54
CA LEU B 77 -19.73 7.23 -4.88
C LEU B 77 -21.18 6.79 -5.06
N GLU B 78 -21.48 5.95 -6.05
CA GLU B 78 -22.85 5.44 -6.36
C GLU B 78 -23.45 4.82 -5.10
#